data_2Q0X
#
_entry.id   2Q0X
#
_cell.length_a   63.556
_cell.length_b   63.556
_cell.length_c   303.186
_cell.angle_alpha   90.000
_cell.angle_beta   90.000
_cell.angle_gamma   120.000
#
_symmetry.space_group_name_H-M   'P 31 2 1'
#
loop_
_entity.id
_entity.type
_entity.pdbx_description
1 polymer 'Uncharacterized protein'
2 non-polymer GLYCEROL
3 water water
#
_entity_poly.entity_id   1
_entity_poly.type   'polypeptide(L)'
_entity_poly.pdbx_seq_one_letter_code
;GPGSMYRSRPEPVQGHLFTYYKDPYCKIPVFMMNMDARRCVLWVGGQTESLLSFDYFTNLAEELQGDWAFVQVEVPSGKI
GSGPQDHAHDAEDVDDLIGILLRDHCMNEVALFATSTGTQLVFELLENSAHKSSITRVILHGVVCDPENPLFTPEGCAAR
KEHVEKLMAEGRGEDSLAMLKHYDIPITPARLAGGGFPTLQEAVWNPCIRKEFDVLRRSVGVIKVPLLLMLAHNVQYKPS
DEEVGTVLEGVRDHTGCNRVTVSYFNDTCDELRRVLKAAESEHVAAILQFLADEDEFRTETEKNNRIKAAEDEKKRKSVL
QVSSFAQAASSVKAS
;
_entity_poly.pdbx_strand_id   A,B
#
loop_
_chem_comp.id
_chem_comp.type
_chem_comp.name
_chem_comp.formula
GOL non-polymer GLYCEROL 'C3 H8 O3'
#
# COMPACT_ATOMS: atom_id res chain seq x y z
N SER A 8 18.82 -2.77 15.01
CA SER A 8 19.28 -3.80 14.03
C SER A 8 18.17 -4.15 13.05
N ARG A 9 18.35 -3.79 11.78
CA ARG A 9 17.37 -4.14 10.77
C ARG A 9 18.02 -4.39 9.39
N PRO A 10 17.27 -5.03 8.47
CA PRO A 10 17.82 -5.48 7.20
C PRO A 10 18.30 -4.41 6.21
N GLU A 11 19.40 -4.71 5.53
CA GLU A 11 19.79 -3.95 4.37
C GLU A 11 18.72 -4.03 3.28
N PRO A 12 18.69 -3.04 2.38
CA PRO A 12 17.77 -3.14 1.24
C PRO A 12 18.01 -4.41 0.45
N VAL A 13 16.94 -5.05 -0.02
CA VAL A 13 17.06 -6.29 -0.79
C VAL A 13 16.73 -6.07 -2.24
N GLN A 14 17.46 -6.76 -3.10
CA GLN A 14 17.28 -6.70 -4.53
C GLN A 14 16.14 -7.63 -4.97
N GLY A 15 15.42 -7.19 -5.99
CA GLY A 15 14.33 -7.98 -6.55
C GLY A 15 13.76 -7.22 -7.72
N HIS A 16 12.68 -7.75 -8.27
CA HIS A 16 12.03 -7.16 -9.44
C HIS A 16 10.62 -6.73 -9.07
N LEU A 17 10.24 -5.53 -9.47
CA LEU A 17 8.93 -4.99 -9.14
C LEU A 17 8.12 -4.86 -10.42
N PHE A 18 6.87 -5.28 -10.35
CA PHE A 18 5.92 -4.94 -11.39
C PHE A 18 4.55 -4.73 -10.79
N THR A 19 3.62 -4.26 -11.63
CA THR A 19 2.23 -4.12 -11.23
C THR A 19 1.33 -4.84 -12.25
N TYR A 20 0.20 -5.35 -11.79
CA TYR A 20 -0.82 -5.84 -12.71
C TYR A 20 -2.12 -5.13 -12.43
N TYR A 21 -2.89 -4.89 -13.49
CA TYR A 21 -4.12 -4.10 -13.41
C TYR A 21 -5.24 -4.92 -12.80
N LYS A 22 -5.80 -4.39 -11.72
CA LYS A 22 -7.03 -4.87 -11.11
C LYS A 22 -8.22 -4.23 -11.82
N ASP A 23 -7.97 -3.06 -12.40
CA ASP A 23 -9.02 -2.17 -12.91
C ASP A 23 -8.25 -0.91 -13.29
N PRO A 24 -8.78 -0.09 -14.23
CA PRO A 24 -7.97 1.04 -14.75
C PRO A 24 -7.72 2.20 -13.77
N TYR A 25 -7.76 1.94 -12.46
CA TYR A 25 -7.47 2.93 -11.43
C TYR A 25 -6.58 2.38 -10.32
N CYS A 26 -6.71 1.08 -10.04
CA CYS A 26 -5.89 0.40 -9.04
CA CYS A 26 -5.88 0.41 -9.05
C CYS A 26 -4.95 -0.59 -9.73
N LYS A 27 -3.65 -0.41 -9.52
CA LYS A 27 -2.66 -1.39 -9.94
C LYS A 27 -2.13 -2.00 -8.67
N ILE A 28 -1.77 -3.27 -8.76
CA ILE A 28 -1.29 -4.04 -7.62
C ILE A 28 0.20 -4.32 -7.81
N PRO A 29 1.04 -3.79 -6.92
CA PRO A 29 2.45 -4.10 -6.91
C PRO A 29 2.81 -5.48 -6.41
N VAL A 30 3.78 -6.05 -7.08
CA VAL A 30 4.28 -7.38 -6.81
C VAL A 30 5.80 -7.28 -6.80
N PHE A 31 6.42 -7.72 -5.73
CA PHE A 31 7.87 -7.75 -5.60
C PHE A 31 8.35 -9.20 -5.59
N MET A 32 9.14 -9.57 -6.59
CA MET A 32 9.69 -10.92 -6.72
C MET A 32 11.20 -10.96 -6.38
N MET A 33 11.62 -11.98 -5.65
CA MET A 33 13.04 -12.19 -5.32
C MET A 33 13.45 -13.59 -5.75
N ASN A 34 14.61 -13.69 -6.38
CA ASN A 34 15.25 -14.98 -6.67
C ASN A 34 14.43 -15.87 -7.58
N MET A 35 14.06 -15.29 -8.72
CA MET A 35 13.21 -15.96 -9.69
C MET A 35 14.00 -16.90 -10.59
N ASP A 36 15.28 -17.10 -10.31
CA ASP A 36 16.05 -18.21 -10.90
C ASP A 36 15.43 -19.57 -10.57
N ALA A 37 14.77 -19.69 -9.43
CA ALA A 37 14.10 -20.93 -9.07
C ALA A 37 12.88 -21.14 -10.01
N ARG A 38 12.30 -22.34 -9.98
CA ARG A 38 11.21 -22.64 -10.90
C ARG A 38 9.88 -22.83 -10.16
N ARG A 39 9.79 -22.24 -8.98
CA ARG A 39 8.60 -22.29 -8.14
C ARG A 39 8.75 -21.21 -7.08
N CYS A 40 7.64 -20.81 -6.46
CA CYS A 40 7.70 -19.69 -5.52
C CYS A 40 6.84 -19.85 -4.29
N VAL A 41 7.33 -19.27 -3.19
CA VAL A 41 6.47 -18.93 -2.08
C VAL A 41 5.84 -17.55 -2.34
N LEU A 42 4.50 -17.48 -2.28
CA LEU A 42 3.76 -16.26 -2.47
C LEU A 42 3.12 -15.86 -1.15
N TRP A 43 3.46 -14.65 -0.70
CA TRP A 43 2.97 -14.10 0.55
C TRP A 43 1.87 -13.04 0.34
N VAL A 44 0.80 -13.18 1.10
CA VAL A 44 -0.24 -12.17 1.20
C VAL A 44 -0.53 -12.00 2.70
N GLY A 45 -0.80 -10.78 3.11
CA GLY A 45 -0.95 -10.46 4.53
C GLY A 45 -2.21 -9.73 4.84
N GLY A 46 -2.21 -9.18 6.06
CA GLY A 46 -3.26 -8.33 6.52
C GLY A 46 -3.30 -7.02 5.76
N GLN A 47 -4.38 -6.31 5.97
CA GLN A 47 -4.61 -5.05 5.27
C GLN A 47 -3.62 -3.95 5.67
N THR A 48 -3.11 -4.02 6.90
CA THR A 48 -2.12 -3.09 7.41
C THR A 48 -0.71 -3.61 7.34
N GLU A 49 -0.51 -4.74 6.67
CA GLU A 49 0.82 -5.29 6.46
C GLU A 49 1.34 -4.84 5.09
N SER A 50 2.56 -4.32 5.09
CA SER A 50 3.24 -3.82 3.90
C SER A 50 4.13 -4.90 3.28
N LEU A 51 4.61 -4.63 2.08
CA LEU A 51 5.71 -5.39 1.53
C LEU A 51 6.81 -5.44 2.58
N LEU A 52 7.45 -6.59 2.70
CA LEU A 52 8.48 -6.84 3.73
C LEU A 52 7.99 -6.54 5.15
N SER A 53 6.74 -6.91 5.42
CA SER A 53 6.12 -6.68 6.74
C SER A 53 6.97 -7.25 7.87
N PHE A 54 7.55 -8.42 7.61
CA PHE A 54 8.46 -9.05 8.56
C PHE A 54 9.88 -8.89 8.07
N ASP A 55 10.73 -8.33 8.93
CA ASP A 55 12.14 -8.18 8.63
C ASP A 55 12.73 -9.53 8.24
N TYR A 56 12.33 -10.62 8.92
CA TYR A 56 12.88 -11.95 8.62
C TYR A 56 12.62 -12.48 7.20
N PHE A 57 11.65 -11.92 6.48
CA PHE A 57 11.45 -12.21 5.06
C PHE A 57 12.70 -12.07 4.20
N THR A 58 13.60 -11.14 4.56
CA THR A 58 14.87 -11.00 3.85
C THR A 58 15.73 -12.25 4.06
N ASN A 59 15.76 -12.74 5.29
CA ASN A 59 16.50 -13.95 5.64
C ASN A 59 15.84 -15.23 5.07
N LEU A 60 14.52 -15.34 5.22
CA LEU A 60 13.72 -16.36 4.52
C LEU A 60 14.06 -16.46 3.03
N ALA A 61 13.89 -15.36 2.29
CA ALA A 61 14.13 -15.34 0.85
C ALA A 61 15.56 -15.76 0.52
N GLU A 62 16.50 -15.29 1.34
CA GLU A 62 17.89 -15.63 1.21
C GLU A 62 18.14 -17.14 1.36
N GLU A 63 17.54 -17.72 2.40
CA GLU A 63 17.67 -19.16 2.66
C GLU A 63 17.02 -20.01 1.60
N LEU A 64 15.86 -19.55 1.10
CA LEU A 64 15.12 -20.21 0.00
C LEU A 64 15.83 -20.16 -1.35
N GLN A 65 16.75 -19.21 -1.52
CA GLN A 65 17.36 -18.92 -2.81
C GLN A 65 17.97 -20.16 -3.45
N GLY A 66 17.69 -20.34 -4.74
CA GLY A 66 18.10 -21.53 -5.47
C GLY A 66 17.05 -22.64 -5.45
N ASP A 67 16.06 -22.52 -4.56
CA ASP A 67 15.11 -23.60 -4.31
C ASP A 67 13.68 -23.08 -4.51
N TRP A 68 13.31 -22.02 -3.80
CA TRP A 68 12.06 -21.31 -4.03
C TRP A 68 12.32 -19.80 -4.22
N ALA A 69 11.63 -19.19 -5.18
CA ALA A 69 11.55 -17.75 -5.25
C ALA A 69 10.65 -17.28 -4.10
N PHE A 70 10.73 -15.99 -3.78
CA PHE A 70 9.91 -15.38 -2.74
C PHE A 70 9.20 -14.18 -3.37
N VAL A 71 7.87 -14.24 -3.41
CA VAL A 71 7.05 -13.22 -4.03
C VAL A 71 6.09 -12.64 -3.00
N GLN A 72 5.93 -11.32 -3.05
CA GLN A 72 5.08 -10.55 -2.13
C GLN A 72 4.15 -9.65 -2.89
N VAL A 73 2.89 -9.63 -2.48
CA VAL A 73 1.88 -8.77 -3.09
C VAL A 73 1.21 -8.04 -1.95
N GLU A 74 0.85 -6.78 -2.17
CA GLU A 74 0.02 -6.08 -1.20
C GLU A 74 -1.45 -6.28 -1.54
N VAL A 75 -2.19 -6.80 -0.58
CA VAL A 75 -3.66 -6.95 -0.68
C VAL A 75 -4.29 -5.63 -1.10
N PRO A 76 -5.05 -5.62 -2.22
CA PRO A 76 -5.67 -4.39 -2.74
C PRO A 76 -6.58 -3.65 -1.74
N SER A 77 -7.30 -4.43 -0.93
CA SER A 77 -8.18 -3.90 0.09
C SER A 77 -7.42 -3.26 1.26
N GLY A 78 -6.10 -3.40 1.27
CA GLY A 78 -5.25 -2.69 2.21
C GLY A 78 -5.14 -1.20 1.85
N LYS A 79 -5.54 -0.84 0.64
CA LYS A 79 -5.42 0.53 0.18
C LYS A 79 -6.75 1.28 0.23
N ILE A 80 -6.66 2.58 0.51
CA ILE A 80 -7.78 3.49 0.30
C ILE A 80 -8.20 3.40 -1.18
N GLY A 81 -9.52 3.55 -1.42
CA GLY A 81 -10.08 3.60 -2.78
C GLY A 81 -10.22 2.24 -3.46
N SER A 82 -10.09 1.17 -2.69
CA SER A 82 -10.14 -0.19 -3.25
C SER A 82 -11.55 -0.65 -3.70
N GLY A 83 -12.58 0.03 -3.25
CA GLY A 83 -13.95 -0.39 -3.54
C GLY A 83 -14.98 0.17 -2.57
N PRO A 84 -14.94 -0.25 -1.29
CA PRO A 84 -13.99 -1.14 -0.64
C PRO A 84 -14.26 -2.63 -0.91
N GLN A 85 -13.18 -3.39 -1.05
CA GLN A 85 -13.23 -4.76 -1.59
C GLN A 85 -13.41 -5.83 -0.50
N ASP A 86 -14.40 -6.71 -0.68
CA ASP A 86 -14.56 -7.90 0.19
C ASP A 86 -13.50 -8.99 -0.10
N HIS A 87 -13.57 -10.11 0.63
CA HIS A 87 -12.49 -11.08 0.61
C HIS A 87 -12.50 -11.95 -0.64
N ALA A 88 -13.67 -12.18 -1.23
CA ALA A 88 -13.76 -12.95 -2.46
C ALA A 88 -13.07 -12.24 -3.63
N HIS A 89 -13.16 -10.91 -3.67
CA HIS A 89 -12.55 -10.12 -4.74
C HIS A 89 -11.05 -9.98 -4.56
N ASP A 90 -10.59 -9.75 -3.33
CA ASP A 90 -9.15 -9.81 -3.00
C ASP A 90 -8.55 -11.16 -3.46
N ALA A 91 -9.22 -12.26 -3.07
CA ALA A 91 -8.85 -13.62 -3.45
C ALA A 91 -8.72 -13.78 -4.96
N GLU A 92 -9.72 -13.29 -5.66
CA GLU A 92 -9.74 -13.28 -7.12
C GLU A 92 -8.54 -12.55 -7.71
N ASP A 93 -8.24 -11.35 -7.19
CA ASP A 93 -7.04 -10.61 -7.58
C ASP A 93 -5.76 -11.40 -7.34
N VAL A 94 -5.66 -12.06 -6.19
CA VAL A 94 -4.53 -12.96 -5.91
C VAL A 94 -4.45 -14.14 -6.88
N ASP A 95 -5.61 -14.70 -7.25
CA ASP A 95 -5.65 -15.81 -8.22
C ASP A 95 -5.16 -15.41 -9.61
N ASP A 96 -5.52 -14.19 -10.02
CA ASP A 96 -4.99 -13.58 -11.23
C ASP A 96 -3.46 -13.45 -11.19
N LEU A 97 -2.90 -13.10 -10.04
CA LEU A 97 -1.44 -13.05 -9.90
C LEU A 97 -0.83 -14.45 -10.02
N ILE A 98 -1.44 -15.43 -9.35
CA ILE A 98 -1.00 -16.82 -9.48
C ILE A 98 -0.93 -17.24 -10.95
N GLY A 99 -2.00 -16.97 -11.70
CA GLY A 99 -2.00 -17.19 -13.13
C GLY A 99 -0.86 -16.54 -13.89
N ILE A 100 -0.60 -15.27 -13.59
CA ILE A 100 0.52 -14.54 -14.18
C ILE A 100 1.85 -15.21 -13.84
N LEU A 101 2.06 -15.54 -12.58
CA LEU A 101 3.30 -16.20 -12.18
C LEU A 101 3.54 -17.55 -12.88
N LEU A 102 2.48 -18.33 -13.00
CA LEU A 102 2.56 -19.64 -13.63
C LEU A 102 2.90 -19.48 -15.10
N ARG A 103 2.14 -18.68 -15.84
CA ARG A 103 2.41 -18.63 -17.28
C ARG A 103 3.55 -17.70 -17.66
N ASP A 104 3.72 -16.59 -16.95
CA ASP A 104 4.69 -15.57 -17.39
C ASP A 104 6.05 -15.65 -16.71
N HIS A 105 6.16 -16.31 -15.56
CA HIS A 105 7.45 -16.37 -14.85
C HIS A 105 8.00 -17.78 -14.57
N CYS A 106 7.61 -18.75 -15.39
CA CYS A 106 8.05 -20.16 -15.27
C CYS A 106 7.99 -20.72 -13.85
N MET A 107 6.98 -20.31 -13.10
CA MET A 107 6.71 -20.91 -11.82
C MET A 107 5.91 -22.20 -12.02
N ASN A 108 6.46 -23.32 -11.58
CA ASN A 108 5.85 -24.65 -11.75
C ASN A 108 5.01 -25.07 -10.55
N GLU A 109 5.20 -24.39 -9.42
CA GLU A 109 4.29 -24.58 -8.29
C GLU A 109 4.38 -23.38 -7.37
N VAL A 110 3.36 -23.26 -6.53
CA VAL A 110 3.22 -22.11 -5.66
C VAL A 110 2.90 -22.66 -4.28
N ALA A 111 3.75 -22.26 -3.31
CA ALA A 111 3.46 -22.39 -1.90
C ALA A 111 2.80 -21.10 -1.43
N LEU A 112 1.52 -21.17 -1.06
CA LEU A 112 0.80 -19.98 -0.57
C LEU A 112 1.08 -19.76 0.90
N PHE A 113 1.50 -18.54 1.24
CA PHE A 113 1.89 -18.16 2.58
C PHE A 113 1.07 -16.92 2.97
N ALA A 114 0.23 -17.06 4.00
CA ALA A 114 -0.55 -15.92 4.47
C ALA A 114 -0.30 -15.69 5.93
N THR A 115 -0.21 -14.42 6.29
CA THR A 115 -0.18 -13.99 7.67
C THR A 115 -1.41 -13.15 7.95
N SER A 116 -1.79 -13.11 9.22
CA SER A 116 -2.87 -12.22 9.68
C SER A 116 -4.21 -12.47 8.95
N THR A 117 -4.92 -11.41 8.54
CA THR A 117 -6.18 -11.58 7.79
C THR A 117 -6.00 -12.02 6.31
N GLY A 118 -4.74 -12.17 5.86
CA GLY A 118 -4.43 -12.74 4.56
C GLY A 118 -4.90 -14.17 4.43
N THR A 119 -4.95 -14.87 5.57
CA THR A 119 -5.44 -16.20 5.62
C THR A 119 -6.89 -16.35 5.14
N GLN A 120 -7.71 -15.31 5.36
CA GLN A 120 -9.07 -15.27 4.82
C GLN A 120 -9.10 -15.48 3.32
N LEU A 121 -8.12 -14.89 2.64
CA LEU A 121 -8.04 -14.98 1.19
C LEU A 121 -7.62 -16.38 0.76
N VAL A 122 -6.78 -17.04 1.55
CA VAL A 122 -6.27 -18.33 1.16
C VAL A 122 -7.38 -19.38 1.16
N PHE A 123 -8.28 -19.35 2.15
CA PHE A 123 -9.36 -20.34 2.22
C PHE A 123 -10.31 -20.18 1.04
N GLU A 124 -10.62 -18.92 0.73
CA GLU A 124 -11.42 -18.56 -0.43
C GLU A 124 -10.75 -18.96 -1.75
N LEU A 125 -9.45 -18.68 -1.86
CA LEU A 125 -8.66 -19.09 -3.02
C LEU A 125 -8.72 -20.59 -3.22
N LEU A 126 -8.37 -21.34 -2.19
CA LEU A 126 -8.26 -22.80 -2.25
C LEU A 126 -9.55 -23.52 -2.65
N GLU A 127 -10.71 -22.93 -2.37
CA GLU A 127 -11.97 -23.50 -2.79
C GLU A 127 -12.36 -23.08 -4.22
N ASN A 128 -11.91 -21.92 -4.69
CA ASN A 128 -12.34 -21.38 -5.98
C ASN A 128 -11.23 -21.11 -7.03
N SER A 129 -9.97 -21.40 -6.73
CA SER A 129 -8.89 -21.06 -7.66
C SER A 129 -9.06 -21.73 -9.04
N ALA A 130 -8.70 -21.01 -10.10
CA ALA A 130 -8.56 -21.59 -11.42
C ALA A 130 -7.23 -22.35 -11.55
N HIS A 131 -6.43 -22.37 -10.47
CA HIS A 131 -5.05 -22.83 -10.50
C HIS A 131 -4.71 -23.79 -9.36
N LYS A 132 -5.73 -24.45 -8.81
CA LYS A 132 -5.58 -25.33 -7.66
C LYS A 132 -4.50 -26.42 -7.80
N SER A 133 -4.30 -26.92 -9.03
CA SER A 133 -3.29 -27.97 -9.27
C SER A 133 -1.86 -27.49 -9.09
N SER A 134 -1.65 -26.19 -9.23
CA SER A 134 -0.33 -25.61 -9.08
C SER A 134 -0.06 -25.07 -7.65
N ILE A 135 -1.08 -25.06 -6.79
CA ILE A 135 -0.91 -24.63 -5.40
C ILE A 135 -0.59 -25.89 -4.55
N THR A 136 0.68 -26.14 -4.27
CA THR A 136 1.12 -27.44 -3.75
C THR A 136 1.40 -27.46 -2.24
N ARG A 137 1.44 -26.28 -1.64
CA ARG A 137 1.68 -26.16 -0.21
C ARG A 137 1.00 -24.91 0.25
N VAL A 138 0.53 -24.96 1.50
CA VAL A 138 -0.07 -23.81 2.13
C VAL A 138 0.60 -23.62 3.49
N ILE A 139 0.92 -22.37 3.81
CA ILE A 139 1.48 -21.99 5.11
C ILE A 139 0.63 -20.87 5.65
N LEU A 140 0.09 -21.04 6.85
CA LEU A 140 -0.74 -20.02 7.46
C LEU A 140 -0.23 -19.69 8.85
N HIS A 141 -0.10 -18.39 9.11
CA HIS A 141 0.28 -17.89 10.43
C HIS A 141 -0.88 -17.16 11.04
N GLY A 142 -1.09 -17.41 12.33
CA GLY A 142 -2.03 -16.63 13.10
C GLY A 142 -1.70 -16.54 14.57
N VAL A 143 -2.09 -15.41 15.16
CA VAL A 143 -2.10 -15.22 16.60
C VAL A 143 -3.48 -15.57 17.09
N VAL A 144 -3.54 -16.38 18.13
CA VAL A 144 -4.82 -16.83 18.67
C VAL A 144 -4.97 -16.35 20.12
N CYS A 145 -6.22 -16.22 20.55
CA CYS A 145 -6.55 -15.91 21.94
C CYS A 145 -7.57 -16.92 22.50
N ASP A 146 -7.90 -16.80 23.78
CA ASP A 146 -8.95 -17.61 24.39
C ASP A 146 -10.28 -17.35 23.66
N PRO A 147 -10.95 -18.42 23.18
CA PRO A 147 -12.26 -18.28 22.51
C PRO A 147 -13.34 -17.59 23.35
N GLU A 148 -13.19 -17.66 24.68
CA GLU A 148 -14.13 -17.02 25.60
C GLU A 148 -13.85 -15.53 25.79
N ASN A 149 -12.82 -15.02 25.12
CA ASN A 149 -12.64 -13.59 24.92
C ASN A 149 -13.95 -12.96 24.41
N PRO A 150 -14.36 -11.80 24.95
CA PRO A 150 -15.68 -11.26 24.58
C PRO A 150 -15.90 -10.99 23.08
N LEU A 151 -14.81 -10.89 22.30
CA LEU A 151 -14.92 -10.80 20.85
C LEU A 151 -15.40 -12.09 20.18
N PHE A 152 -15.04 -13.24 20.75
CA PHE A 152 -15.26 -14.54 20.09
C PHE A 152 -16.24 -15.46 20.83
N THR A 153 -16.84 -15.00 21.90
CA THR A 153 -18.02 -15.67 22.46
C THR A 153 -19.16 -15.61 21.42
N PRO A 154 -20.10 -16.56 21.47
CA PRO A 154 -21.24 -16.56 20.54
C PRO A 154 -21.90 -15.19 20.36
N GLU A 155 -22.04 -14.44 21.46
CA GLU A 155 -22.67 -13.13 21.46
C GLU A 155 -21.83 -12.05 20.77
N GLY A 156 -20.54 -12.02 21.07
CA GLY A 156 -19.62 -11.06 20.46
C GLY A 156 -19.50 -11.28 18.95
N CYS A 157 -19.63 -12.53 18.52
CA CYS A 157 -19.70 -12.87 17.10
C CYS A 157 -20.97 -12.33 16.47
N ALA A 158 -22.10 -12.52 17.15
CA ALA A 158 -23.38 -11.98 16.69
C ALA A 158 -23.39 -10.45 16.70
N ALA A 159 -22.76 -9.85 17.70
CA ALA A 159 -22.70 -8.41 17.85
C ALA A 159 -21.83 -7.76 16.77
N ARG A 160 -20.68 -8.39 16.48
CA ARG A 160 -19.81 -7.98 15.37
C ARG A 160 -20.50 -8.17 14.02
N LYS A 161 -21.19 -9.29 13.86
CA LYS A 161 -21.90 -9.60 12.60
C LYS A 161 -22.93 -8.52 12.30
N GLU A 162 -23.68 -8.14 13.33
CA GLU A 162 -24.72 -7.12 13.23
C GLU A 162 -24.11 -5.75 12.95
N HIS A 163 -23.07 -5.41 13.71
CA HIS A 163 -22.37 -4.12 13.58
C HIS A 163 -21.86 -3.89 12.16
N VAL A 164 -21.37 -4.96 11.53
CA VAL A 164 -20.88 -4.91 10.15
C VAL A 164 -22.01 -4.69 9.14
N GLU A 165 -23.14 -5.38 9.35
CA GLU A 165 -24.35 -5.18 8.53
C GLU A 165 -24.82 -3.72 8.53
N LYS A 166 -24.76 -3.10 9.70
CA LYS A 166 -25.19 -1.72 9.89
C LYS A 166 -24.28 -0.76 9.13
N LEU A 167 -22.96 -0.97 9.24
CA LEU A 167 -21.98 -0.12 8.55
C LEU A 167 -22.07 -0.26 7.03
N MET A 168 -22.28 -1.48 6.55
CA MET A 168 -22.39 -1.74 5.12
C MET A 168 -23.61 -1.07 4.50
N ALA A 169 -24.68 -0.97 5.30
CA ALA A 169 -25.91 -0.29 4.88
C ALA A 169 -25.75 1.23 4.85
N GLU A 170 -24.87 1.75 5.69
CA GLU A 170 -24.52 3.17 5.66
C GLU A 170 -23.51 3.52 4.57
N GLY A 171 -22.91 2.52 3.94
CA GLY A 171 -21.87 2.73 2.94
C GLY A 171 -20.51 2.97 3.58
N ARG A 172 -20.32 2.43 4.79
CA ARG A 172 -19.13 2.66 5.59
C ARG A 172 -18.18 1.46 5.56
N GLY A 173 -18.29 0.66 4.50
CA GLY A 173 -17.45 -0.54 4.33
C GLY A 173 -15.95 -0.37 4.40
N GLU A 174 -15.45 0.83 4.06
CA GLU A 174 -14.01 1.15 4.09
C GLU A 174 -13.53 1.64 5.46
N ASP A 175 -14.43 1.80 6.42
CA ASP A 175 -14.07 2.47 7.67
C ASP A 175 -13.59 1.49 8.73
N SER A 176 -12.30 1.19 8.71
CA SER A 176 -11.73 0.22 9.65
C SER A 176 -11.80 0.71 11.10
N LEU A 177 -11.76 2.02 11.30
CA LEU A 177 -11.84 2.62 12.63
C LEU A 177 -13.20 2.38 13.31
N ALA A 178 -14.24 2.18 12.50
CA ALA A 178 -15.57 1.80 13.01
C ALA A 178 -15.60 0.38 13.60
N MET A 179 -14.57 -0.42 13.31
CA MET A 179 -14.47 -1.81 13.79
C MET A 179 -13.67 -2.01 15.08
N LEU A 180 -13.27 -0.93 15.74
CA LEU A 180 -12.26 -1.05 16.80
C LEU A 180 -12.76 -1.73 18.09
N LYS A 181 -14.03 -1.60 18.41
CA LYS A 181 -14.54 -2.21 19.64
C LYS A 181 -15.08 -3.62 19.39
N HIS A 182 -15.38 -3.92 18.13
CA HIS A 182 -15.94 -5.22 17.74
C HIS A 182 -14.93 -6.21 17.14
N TYR A 183 -13.73 -5.76 16.79
CA TYR A 183 -12.67 -6.68 16.38
C TYR A 183 -11.33 -6.15 16.85
N ASP A 184 -10.30 -7.01 16.91
CA ASP A 184 -8.99 -6.61 17.43
C ASP A 184 -7.98 -6.21 16.34
N ILE A 185 -7.68 -7.11 15.43
CA ILE A 185 -6.76 -6.85 14.34
C ILE A 185 -7.42 -5.80 13.42
N PRO A 186 -6.63 -4.84 12.89
CA PRO A 186 -7.24 -3.88 11.95
C PRO A 186 -7.86 -4.49 10.70
N ILE A 187 -9.10 -4.12 10.43
CA ILE A 187 -9.89 -4.76 9.38
C ILE A 187 -11.05 -3.85 8.96
N THR A 188 -11.36 -3.83 7.66
CA THR A 188 -12.48 -3.02 7.18
C THR A 188 -13.77 -3.80 7.35
N PRO A 189 -14.89 -3.10 7.61
CA PRO A 189 -16.19 -3.80 7.61
C PRO A 189 -16.44 -4.61 6.33
N ALA A 190 -16.04 -4.07 5.19
CA ALA A 190 -16.23 -4.74 3.91
C ALA A 190 -15.52 -6.08 3.86
N ARG A 191 -14.36 -6.20 4.51
CA ARG A 191 -13.67 -7.49 4.57
C ARG A 191 -14.39 -8.50 5.49
N LEU A 192 -15.01 -8.02 6.55
CA LEU A 192 -15.77 -8.89 7.44
C LEU A 192 -17.12 -9.31 6.83
N ALA A 193 -17.71 -8.42 6.01
CA ALA A 193 -19.09 -8.59 5.52
C ALA A 193 -19.29 -9.73 4.51
N GLY A 194 -18.26 -10.05 3.74
CA GLY A 194 -18.36 -11.13 2.75
C GLY A 194 -18.28 -12.52 3.34
N GLY A 195 -18.05 -12.63 4.64
CA GLY A 195 -18.03 -13.93 5.29
C GLY A 195 -16.62 -14.51 5.33
N GLY A 196 -16.53 -15.82 5.08
CA GLY A 196 -15.27 -16.54 5.15
C GLY A 196 -14.72 -16.57 6.56
N PHE A 197 -13.39 -16.71 6.67
CA PHE A 197 -12.72 -16.77 7.98
C PHE A 197 -11.56 -15.78 8.02
N PRO A 198 -11.77 -14.61 8.65
CA PRO A 198 -10.76 -13.56 8.66
C PRO A 198 -9.39 -14.04 9.07
N THR A 199 -9.29 -14.81 10.15
CA THR A 199 -7.99 -15.28 10.67
C THR A 199 -8.11 -16.73 11.12
N LEU A 200 -6.99 -17.29 11.56
CA LEU A 200 -6.95 -18.61 12.13
C LEU A 200 -7.76 -18.77 13.42
N GLN A 201 -8.07 -17.67 14.11
CA GLN A 201 -9.02 -17.74 15.22
C GLN A 201 -10.34 -18.36 14.77
N GLU A 202 -10.92 -17.80 13.71
CA GLU A 202 -12.22 -18.30 13.21
C GLU A 202 -12.08 -19.60 12.42
N ALA A 203 -11.02 -19.71 11.63
CA ALA A 203 -10.81 -20.86 10.75
C ALA A 203 -10.41 -22.15 11.50
N VAL A 204 -9.65 -22.01 12.59
CA VAL A 204 -9.08 -23.19 13.26
C VAL A 204 -9.31 -23.22 14.79
N TRP A 205 -8.94 -22.16 15.48
CA TRP A 205 -8.86 -22.19 16.93
C TRP A 205 -10.23 -22.36 17.57
N ASN A 206 -11.12 -21.40 17.29
CA ASN A 206 -12.49 -21.45 17.79
C ASN A 206 -13.22 -22.76 17.49
N PRO A 207 -13.35 -23.13 16.20
CA PRO A 207 -14.06 -24.39 15.93
C PRO A 207 -13.42 -25.66 16.51
N CYS A 208 -12.09 -25.70 16.61
CA CYS A 208 -11.43 -26.87 17.18
C CYS A 208 -11.68 -26.98 18.68
N ILE A 209 -11.48 -25.89 19.40
CA ILE A 209 -11.74 -25.86 20.86
C ILE A 209 -13.24 -26.14 21.17
N ARG A 210 -14.13 -25.64 20.31
CA ARG A 210 -15.57 -25.83 20.49
C ARG A 210 -16.17 -27.05 19.75
N LYS A 211 -15.32 -27.90 19.18
CA LYS A 211 -15.73 -29.11 18.46
C LYS A 211 -16.79 -28.84 17.37
N GLU A 212 -16.70 -27.68 16.75
CA GLU A 212 -17.60 -27.30 15.66
C GLU A 212 -17.01 -27.81 14.36
N PHE A 213 -17.16 -29.09 14.13
CA PHE A 213 -16.42 -29.75 13.05
C PHE A 213 -16.98 -29.51 11.67
N ASP A 214 -18.26 -29.20 11.56
CA ASP A 214 -18.80 -28.74 10.28
C ASP A 214 -18.10 -27.49 9.75
N VAL A 215 -17.75 -26.55 10.64
CA VAL A 215 -17.06 -25.33 10.22
C VAL A 215 -15.70 -25.65 9.60
N LEU A 216 -15.01 -26.64 10.17
CA LEU A 216 -13.69 -27.01 9.69
C LEU A 216 -13.70 -27.50 8.23
N ARG A 217 -14.81 -28.09 7.78
CA ARG A 217 -14.93 -28.55 6.41
C ARG A 217 -14.83 -27.40 5.45
N ARG A 218 -15.36 -26.26 5.85
CA ARG A 218 -15.34 -25.05 5.06
C ARG A 218 -14.00 -24.31 5.07
N SER A 219 -13.19 -24.58 6.09
CA SER A 219 -11.86 -23.96 6.24
C SER A 219 -10.76 -24.95 5.87
N VAL A 220 -10.19 -25.66 6.85
CA VAL A 220 -9.09 -26.60 6.55
C VAL A 220 -9.49 -27.76 5.60
N GLY A 221 -10.78 -28.09 5.59
CA GLY A 221 -11.31 -29.11 4.67
C GLY A 221 -11.11 -28.82 3.19
N VAL A 222 -11.06 -27.53 2.80
CA VAL A 222 -10.84 -27.16 1.40
C VAL A 222 -9.37 -27.26 0.98
N ILE A 223 -8.47 -27.39 1.93
CA ILE A 223 -7.03 -27.46 1.67
C ILE A 223 -6.68 -28.91 1.39
N LYS A 224 -6.27 -29.18 0.16
CA LYS A 224 -6.07 -30.56 -0.31
C LYS A 224 -4.59 -30.91 -0.48
N VAL A 225 -3.73 -30.05 0.03
CA VAL A 225 -2.30 -30.20 -0.09
C VAL A 225 -1.69 -29.99 1.28
N PRO A 226 -0.39 -30.30 1.44
CA PRO A 226 0.22 -30.15 2.75
C PRO A 226 0.14 -28.72 3.34
N LEU A 227 -0.11 -28.70 4.65
CA LEU A 227 -0.44 -27.48 5.36
C LEU A 227 0.50 -27.34 6.57
N LEU A 228 1.13 -26.17 6.71
CA LEU A 228 1.80 -25.78 7.93
C LEU A 228 0.97 -24.68 8.56
N LEU A 229 0.48 -24.96 9.77
CA LEU A 229 -0.14 -23.94 10.62
C LEU A 229 0.89 -23.44 11.62
N MET A 230 1.08 -22.13 11.63
CA MET A 230 2.02 -21.46 12.53
C MET A 230 1.22 -20.64 13.51
N LEU A 231 1.21 -21.09 14.75
CA LEU A 231 0.39 -20.49 15.79
C LEU A 231 1.27 -19.76 16.83
N ALA A 232 0.82 -18.56 17.19
CA ALA A 232 1.41 -17.75 18.23
C ALA A 232 0.28 -17.22 19.13
N HIS A 233 0.65 -16.76 20.32
CA HIS A 233 -0.31 -16.11 21.24
C HIS A 233 0.45 -15.22 22.21
N ASN A 234 -0.21 -14.20 22.74
CA ASN A 234 0.35 -13.39 23.83
C ASN A 234 0.66 -14.28 25.04
N VAL A 235 1.71 -13.92 25.76
CA VAL A 235 2.21 -14.69 26.90
C VAL A 235 1.16 -14.94 28.01
N GLN A 236 0.15 -14.08 28.08
CA GLN A 236 -0.88 -14.17 29.12
C GLN A 236 -1.87 -15.30 28.83
N TYR A 237 -1.95 -15.73 27.57
CA TYR A 237 -2.81 -16.83 27.20
C TYR A 237 -2.04 -18.16 27.29
N LYS A 238 -2.56 -19.06 28.11
CA LYS A 238 -1.90 -20.33 28.40
C LYS A 238 -2.82 -21.48 27.98
N PRO A 239 -2.77 -21.86 26.70
CA PRO A 239 -3.60 -23.00 26.27
C PRO A 239 -3.12 -24.30 26.92
N SER A 240 -4.06 -25.03 27.52
CA SER A 240 -3.78 -26.31 28.17
C SER A 240 -3.30 -27.35 27.18
N ASP A 241 -2.70 -28.41 27.71
CA ASP A 241 -2.25 -29.53 26.89
C ASP A 241 -3.43 -30.15 26.14
N GLU A 242 -4.57 -30.20 26.84
CA GLU A 242 -5.83 -30.74 26.34
C GLU A 242 -6.31 -29.96 25.12
N GLU A 243 -6.34 -28.63 25.24
CA GLU A 243 -6.77 -27.76 24.13
C GLU A 243 -5.82 -27.82 22.95
N VAL A 244 -4.52 -27.92 23.21
CA VAL A 244 -3.52 -28.07 22.14
C VAL A 244 -3.79 -29.41 21.42
N GLY A 245 -4.05 -30.44 22.22
CA GLY A 245 -4.41 -31.76 21.70
C GLY A 245 -5.67 -31.78 20.86
N THR A 246 -6.70 -31.06 21.31
CA THR A 246 -7.98 -30.99 20.58
C THR A 246 -7.81 -30.24 19.26
N VAL A 247 -6.98 -29.20 19.27
CA VAL A 247 -6.67 -28.46 18.05
C VAL A 247 -5.89 -29.34 17.06
N LEU A 248 -4.87 -30.05 17.54
CA LEU A 248 -4.10 -30.97 16.70
C LEU A 248 -5.02 -32.07 16.10
N GLU A 249 -5.85 -32.65 16.95
CA GLU A 249 -6.83 -33.64 16.52
C GLU A 249 -7.82 -33.12 15.47
N GLY A 250 -8.36 -31.91 15.69
CA GLY A 250 -9.31 -31.32 14.77
C GLY A 250 -8.73 -31.02 13.41
N VAL A 251 -7.52 -30.49 13.38
CA VAL A 251 -6.85 -30.18 12.15
C VAL A 251 -6.50 -31.46 11.38
N ARG A 252 -5.94 -32.46 12.06
CA ARG A 252 -5.58 -33.73 11.40
C ARG A 252 -6.75 -34.52 10.83
N ASP A 253 -7.87 -34.47 11.52
CA ASP A 253 -9.05 -35.24 11.14
C ASP A 253 -9.91 -34.55 10.10
N HIS A 254 -9.74 -33.25 9.93
CA HIS A 254 -10.62 -32.45 9.08
C HIS A 254 -9.94 -31.67 7.98
N THR A 255 -8.61 -31.68 7.92
CA THR A 255 -7.96 -31.07 6.77
C THR A 255 -8.17 -32.01 5.57
N GLY A 256 -8.27 -31.45 4.36
CA GLY A 256 -8.49 -32.23 3.15
C GLY A 256 -7.25 -32.98 2.66
N CYS A 257 -6.16 -32.92 3.42
CA CYS A 257 -4.95 -33.67 3.15
C CYS A 257 -4.40 -34.06 4.51
N ASN A 258 -3.92 -35.30 4.62
CA ASN A 258 -3.34 -35.78 5.89
C ASN A 258 -2.00 -35.11 6.31
N ARG A 259 -1.34 -34.39 5.40
CA ARG A 259 0.00 -33.89 5.70
C ARG A 259 -0.08 -32.47 6.26
N VAL A 260 -0.51 -32.40 7.50
CA VAL A 260 -0.66 -31.14 8.19
C VAL A 260 0.30 -31.10 9.38
N THR A 261 0.98 -29.98 9.52
CA THR A 261 1.91 -29.74 10.64
C THR A 261 1.36 -28.54 11.40
N VAL A 262 1.28 -28.67 12.73
CA VAL A 262 0.83 -27.58 13.58
C VAL A 262 1.95 -27.23 14.53
N SER A 263 2.52 -26.04 14.37
CA SER A 263 3.66 -25.60 15.19
C SER A 263 3.33 -24.31 15.92
N TYR A 264 3.89 -24.21 17.12
CA TYR A 264 3.75 -23.05 17.97
C TYR A 264 5.07 -22.24 18.00
N PHE A 265 4.91 -20.91 17.97
CA PHE A 265 6.05 -19.99 17.87
C PHE A 265 6.06 -19.00 19.03
N ASN A 266 7.26 -18.69 19.51
CA ASN A 266 7.44 -17.78 20.63
C ASN A 266 7.46 -16.31 20.17
N ASP A 267 6.56 -15.96 19.26
CA ASP A 267 6.36 -14.59 18.81
C ASP A 267 5.96 -13.73 19.99
N THR A 268 6.47 -12.50 20.04
CA THR A 268 5.94 -11.53 21.00
C THR A 268 4.71 -10.87 20.36
N CYS A 269 3.58 -10.98 21.04
CA CYS A 269 2.31 -10.47 20.55
C CYS A 269 1.70 -9.53 21.56
N ASP A 270 0.98 -8.51 21.09
CA ASP A 270 0.23 -7.68 22.04
C ASP A 270 -1.07 -8.39 22.39
N GLU A 271 -2.02 -7.68 23.00
CA GLU A 271 -3.29 -8.26 23.39
C GLU A 271 -4.37 -7.99 22.34
N LEU A 272 -3.96 -7.56 21.15
CA LEU A 272 -4.90 -7.37 20.03
C LEU A 272 -4.53 -8.29 18.86
N ARG A 273 -3.84 -9.38 19.19
CA ARG A 273 -3.47 -10.47 18.26
C ARG A 273 -2.56 -9.99 17.13
N ARG A 274 -1.69 -9.03 17.45
CA ARG A 274 -0.71 -8.52 16.52
C ARG A 274 0.69 -8.99 16.92
N VAL A 275 1.48 -9.41 15.94
CA VAL A 275 2.85 -9.81 16.21
C VAL A 275 3.70 -8.53 16.34
N LEU A 276 4.32 -8.36 17.49
CA LEU A 276 5.24 -7.27 17.73
C LEU A 276 6.66 -7.70 17.32
N LYS A 277 6.99 -8.95 17.56
CA LYS A 277 8.29 -9.47 17.17
C LYS A 277 8.13 -10.97 16.91
N ALA A 278 8.45 -11.39 15.70
CA ALA A 278 8.38 -12.78 15.31
C ALA A 278 9.59 -13.47 15.95
N ALA A 279 9.42 -14.74 16.30
CA ALA A 279 10.56 -15.56 16.65
C ALA A 279 11.21 -15.88 15.30
N GLU A 280 12.07 -14.96 14.86
CA GLU A 280 12.54 -14.93 13.47
C GLU A 280 13.18 -16.25 13.05
N SER A 281 14.05 -16.77 13.89
CA SER A 281 14.78 -18.00 13.62
C SER A 281 13.86 -19.22 13.58
N GLU A 282 12.86 -19.24 14.46
CA GLU A 282 11.86 -20.31 14.50
C GLU A 282 11.03 -20.33 13.21
N HIS A 283 10.52 -19.16 12.80
CA HIS A 283 9.73 -19.05 11.54
C HIS A 283 10.54 -19.54 10.34
N VAL A 284 11.76 -19.05 10.19
CA VAL A 284 12.56 -19.41 9.03
C VAL A 284 12.80 -20.93 8.98
N ALA A 285 13.23 -21.46 10.13
CA ALA A 285 13.53 -22.88 10.26
C ALA A 285 12.30 -23.77 10.02
N ALA A 286 11.15 -23.39 10.56
CA ALA A 286 9.92 -24.17 10.41
C ALA A 286 9.43 -24.16 8.93
N ILE A 287 9.54 -23.02 8.27
CA ILE A 287 9.12 -22.91 6.89
C ILE A 287 10.03 -23.74 5.98
N LEU A 288 11.34 -23.61 6.17
CA LEU A 288 12.33 -24.36 5.37
C LEU A 288 12.19 -25.87 5.55
N GLN A 289 12.04 -26.32 6.80
CA GLN A 289 11.93 -27.74 7.14
C GLN A 289 10.62 -28.32 6.60
N PHE A 290 9.55 -27.57 6.69
CA PHE A 290 8.28 -27.96 6.10
C PHE A 290 8.39 -28.14 4.58
N LEU A 291 8.94 -27.16 3.89
CA LEU A 291 9.09 -27.25 2.45
C LEU A 291 10.01 -28.42 2.07
N ALA A 292 11.11 -28.58 2.81
CA ALA A 292 12.07 -29.65 2.59
C ALA A 292 11.43 -31.03 2.84
N ASP A 293 10.78 -31.19 3.99
CA ASP A 293 10.19 -32.49 4.35
C ASP A 293 9.11 -32.92 3.35
N GLU A 294 8.32 -31.98 2.86
CA GLU A 294 7.26 -32.32 1.90
C GLU A 294 7.82 -32.70 0.52
N ASP A 295 8.95 -32.10 0.14
CA ASP A 295 9.68 -32.53 -1.06
C ASP A 295 10.14 -33.99 -0.93
N GLU A 296 10.64 -34.33 0.25
CA GLU A 296 11.14 -35.68 0.55
C GLU A 296 9.98 -36.66 0.48
N PHE A 297 8.89 -36.34 1.16
CA PHE A 297 7.73 -37.22 1.15
C PHE A 297 7.25 -37.46 -0.27
N ARG A 298 7.16 -36.41 -1.08
CA ARG A 298 6.64 -36.57 -2.45
C ARG A 298 7.57 -37.44 -3.33
N THR A 299 8.88 -37.37 -3.09
CA THR A 299 9.87 -38.11 -3.90
C THR A 299 9.79 -39.62 -3.66
N GLU A 300 9.18 -40.02 -2.55
CA GLU A 300 8.81 -41.40 -2.30
C GLU A 300 7.37 -41.63 -2.80
N THR A 301 7.16 -42.30 -3.94
CA THR A 301 8.20 -42.79 -4.86
C THR A 301 8.14 -42.05 -6.20
N ARG B 9 2.79 -2.90 -21.88
CA ARG B 9 2.97 -3.06 -20.41
C ARG B 9 4.43 -3.36 -20.07
N PRO B 10 5.02 -2.64 -19.10
CA PRO B 10 6.43 -2.84 -18.73
C PRO B 10 6.80 -4.24 -18.24
N GLU B 11 8.03 -4.65 -18.54
CA GLU B 11 8.65 -5.77 -17.85
C GLU B 11 8.92 -5.38 -16.40
N PRO B 12 9.04 -6.38 -15.50
CA PRO B 12 9.49 -6.14 -14.13
C PRO B 12 10.87 -5.45 -14.07
N VAL B 13 10.96 -4.39 -13.28
CA VAL B 13 12.20 -3.63 -13.13
C VAL B 13 12.91 -4.02 -11.84
N GLN B 14 14.23 -4.13 -11.93
CA GLN B 14 15.06 -4.46 -10.79
C GLN B 14 15.31 -3.22 -9.93
N GLY B 15 15.39 -3.44 -8.62
CA GLY B 15 15.76 -2.37 -7.70
C GLY B 15 15.88 -2.92 -6.30
N HIS B 16 16.07 -2.02 -5.33
CA HIS B 16 16.20 -2.42 -3.95
C HIS B 16 15.00 -1.94 -3.13
N LEU B 17 14.48 -2.84 -2.30
CA LEU B 17 13.31 -2.60 -1.46
C LEU B 17 13.74 -2.61 -0.01
N PHE B 18 13.32 -1.60 0.74
CA PHE B 18 13.41 -1.64 2.21
C PHE B 18 12.19 -0.98 2.81
N THR B 19 12.02 -1.14 4.10
CA THR B 19 10.99 -0.42 4.80
C THR B 19 11.66 0.40 5.90
N TYR B 20 11.04 1.51 6.28
CA TYR B 20 11.43 2.19 7.53
C TYR B 20 10.21 2.36 8.41
N TYR B 21 10.47 2.35 9.71
CA TYR B 21 9.41 2.27 10.71
C TYR B 21 8.81 3.64 10.94
N LYS B 22 7.48 3.70 10.92
CA LYS B 22 6.75 4.92 11.20
C LYS B 22 6.53 4.99 12.73
N ASP B 23 5.45 4.36 13.21
CA ASP B 23 5.39 3.82 14.56
C ASP B 23 5.81 2.35 14.39
N PRO B 24 5.72 1.52 15.45
CA PRO B 24 6.02 0.10 15.26
C PRO B 24 4.79 -0.81 15.03
N TYR B 25 3.85 -0.33 14.23
CA TYR B 25 2.78 -1.14 13.63
C TYR B 25 2.58 -0.69 12.18
N CYS B 26 3.53 0.10 11.67
CA CYS B 26 3.42 0.66 10.34
CA CYS B 26 3.42 0.68 10.33
C CYS B 26 4.80 0.78 9.73
N LYS B 27 5.08 -0.09 8.76
CA LYS B 27 6.32 -0.05 8.02
C LYS B 27 6.02 0.58 6.67
N ILE B 28 6.92 1.43 6.20
CA ILE B 28 6.77 2.14 4.93
C ILE B 28 7.76 1.62 3.89
N PRO B 29 7.26 0.98 2.83
CA PRO B 29 8.18 0.49 1.83
C PRO B 29 8.66 1.56 0.87
N VAL B 30 9.92 1.38 0.47
CA VAL B 30 10.63 2.31 -0.38
C VAL B 30 11.32 1.46 -1.44
N PHE B 31 11.14 1.81 -2.71
CA PHE B 31 11.76 1.10 -3.81
C PHE B 31 12.74 2.03 -4.52
N MET B 32 14.00 1.62 -4.56
CA MET B 32 15.11 2.44 -5.07
C MET B 32 15.70 1.84 -6.33
N MET B 33 15.85 2.66 -7.36
CA MET B 33 16.45 2.21 -8.61
C MET B 33 17.66 3.07 -8.97
N ASN B 34 18.73 2.40 -9.43
CA ASN B 34 19.90 3.06 -9.99
C ASN B 34 20.55 3.99 -8.98
N MET B 35 20.90 3.43 -7.84
CA MET B 35 21.50 4.18 -6.75
C MET B 35 23.00 4.44 -6.95
N ASP B 36 23.57 3.90 -8.03
CA ASP B 36 24.94 4.22 -8.48
C ASP B 36 25.13 5.73 -8.71
N ALA B 37 24.03 6.46 -8.89
CA ALA B 37 24.07 7.92 -8.96
C ALA B 37 24.35 8.54 -7.58
N ARG B 38 24.68 9.83 -7.57
CA ARG B 38 24.96 10.55 -6.32
C ARG B 38 23.75 11.35 -5.83
N ARG B 39 22.63 11.22 -6.53
CA ARG B 39 21.41 11.99 -6.22
C ARG B 39 20.15 11.25 -6.70
N CYS B 40 18.99 11.60 -6.16
CA CYS B 40 17.76 10.87 -6.53
C CYS B 40 16.55 11.75 -6.78
N VAL B 41 15.69 11.30 -7.68
CA VAL B 41 14.32 11.79 -7.76
C VAL B 41 13.50 10.93 -6.79
N LEU B 42 12.75 11.59 -5.91
CA LEU B 42 11.91 10.91 -4.95
C LEU B 42 10.46 11.21 -5.30
N TRP B 43 9.72 10.15 -5.64
CA TRP B 43 8.33 10.24 -5.99
C TRP B 43 7.42 9.90 -4.84
N VAL B 44 6.44 10.76 -4.60
CA VAL B 44 5.30 10.42 -3.74
C VAL B 44 3.98 10.83 -4.45
N GLY B 45 2.94 10.03 -4.22
CA GLY B 45 1.71 10.16 -4.97
C GLY B 45 0.44 10.30 -4.15
N GLY B 46 -0.67 10.14 -4.85
CA GLY B 46 -1.98 10.11 -4.23
C GLY B 46 -2.17 8.89 -3.35
N GLN B 47 -3.23 8.90 -2.56
CA GLN B 47 -3.50 7.85 -1.61
C GLN B 47 -3.87 6.51 -2.28
N THR B 48 -4.43 6.59 -3.48
CA THR B 48 -4.78 5.41 -4.26
C THR B 48 -3.69 5.08 -5.29
N GLU B 49 -2.52 5.74 -5.23
CA GLU B 49 -1.41 5.43 -6.14
C GLU B 49 -0.43 4.44 -5.52
N SER B 50 0.03 3.51 -6.34
CA SER B 50 0.87 2.41 -5.91
C SER B 50 2.26 2.66 -6.42
N LEU B 51 3.25 1.97 -5.87
CA LEU B 51 4.56 1.89 -6.48
C LEU B 51 4.35 1.61 -7.95
N LEU B 52 5.12 2.26 -8.81
CA LEU B 52 4.95 2.15 -10.27
C LEU B 52 3.51 2.48 -10.75
N SER B 53 2.89 3.48 -10.09
CA SER B 53 1.57 3.98 -10.47
C SER B 53 1.49 4.29 -11.97
N PHE B 54 2.55 4.92 -12.50
CA PHE B 54 2.67 5.19 -13.92
C PHE B 54 3.71 4.25 -14.54
N ASP B 55 3.27 3.48 -15.55
CA ASP B 55 4.15 2.61 -16.33
C ASP B 55 5.40 3.32 -16.87
N TYR B 56 5.27 4.60 -17.23
CA TYR B 56 6.43 5.37 -17.76
C TYR B 56 7.55 5.58 -16.75
N PHE B 57 7.28 5.33 -15.47
CA PHE B 57 8.33 5.38 -14.44
C PHE B 57 9.50 4.46 -14.73
N THR B 58 9.22 3.29 -15.31
CA THR B 58 10.27 2.35 -15.69
C THR B 58 11.17 2.97 -16.75
N ASN B 59 10.55 3.66 -17.71
CA ASN B 59 11.28 4.40 -18.74
C ASN B 59 11.98 5.62 -18.16
N LEU B 60 11.28 6.39 -17.32
CA LEU B 60 11.89 7.53 -16.61
C LEU B 60 13.17 7.13 -15.87
N ALA B 61 13.06 6.16 -14.99
CA ALA B 61 14.20 5.69 -14.19
C ALA B 61 15.38 5.28 -15.06
N GLU B 62 15.08 4.55 -16.13
CA GLU B 62 16.10 4.08 -17.05
C GLU B 62 16.80 5.21 -17.80
N GLU B 63 16.06 6.23 -18.23
CA GLU B 63 16.67 7.39 -18.90
C GLU B 63 17.54 8.18 -17.92
N LEU B 64 17.09 8.25 -16.67
CA LEU B 64 17.84 8.92 -15.61
C LEU B 64 19.09 8.16 -15.18
N GLN B 65 19.12 6.86 -15.47
CA GLN B 65 20.24 6.00 -15.09
C GLN B 65 21.59 6.60 -15.46
N GLY B 66 22.43 6.78 -14.45
CA GLY B 66 23.76 7.34 -14.61
C GLY B 66 23.83 8.77 -14.13
N ASP B 67 22.68 9.43 -14.03
CA ASP B 67 22.58 10.84 -13.65
C ASP B 67 21.82 10.99 -12.34
N TRP B 68 20.58 10.51 -12.32
CA TRP B 68 19.74 10.54 -11.11
C TRP B 68 19.25 9.14 -10.78
N ALA B 69 19.22 8.82 -9.50
CA ALA B 69 18.48 7.66 -9.01
C ALA B 69 16.97 7.92 -9.05
N PHE B 70 16.17 6.86 -8.99
CA PHE B 70 14.71 6.99 -8.92
C PHE B 70 14.18 6.20 -7.72
N VAL B 71 13.56 6.91 -6.77
CA VAL B 71 13.07 6.33 -5.52
C VAL B 71 11.57 6.59 -5.36
N GLN B 72 10.84 5.56 -4.93
CA GLN B 72 9.40 5.64 -4.77
C GLN B 72 9.03 5.20 -3.39
N VAL B 73 8.14 5.96 -2.78
CA VAL B 73 7.62 5.63 -1.47
C VAL B 73 6.10 5.60 -1.59
N GLU B 74 5.48 4.66 -0.91
CA GLU B 74 4.03 4.64 -0.81
C GLU B 74 3.61 5.41 0.43
N VAL B 75 2.82 6.44 0.22
CA VAL B 75 2.33 7.32 1.28
C VAL B 75 1.63 6.52 2.34
N PRO B 76 2.02 6.68 3.61
CA PRO B 76 1.40 5.89 4.68
C PRO B 76 -0.14 5.99 4.76
N SER B 77 -0.67 7.18 4.51
CA SER B 77 -2.11 7.44 4.56
C SER B 77 -2.90 6.86 3.38
N GLY B 78 -2.20 6.29 2.41
CA GLY B 78 -2.85 5.51 1.36
C GLY B 78 -3.25 4.11 1.82
N LYS B 79 -2.83 3.77 3.04
CA LYS B 79 -3.00 2.44 3.59
C LYS B 79 -4.06 2.52 4.68
N ILE B 80 -4.84 1.45 4.80
CA ILE B 80 -5.81 1.29 5.87
C ILE B 80 -5.05 1.29 7.20
N GLY B 81 -5.60 1.96 8.20
CA GLY B 81 -5.06 1.87 9.58
C GLY B 81 -3.80 2.71 9.83
N SER B 82 -3.66 3.81 9.11
CA SER B 82 -2.50 4.69 9.25
C SER B 82 -2.62 5.70 10.43
N GLY B 83 -3.79 5.76 11.07
CA GLY B 83 -4.03 6.75 12.13
C GLY B 83 -5.50 7.09 12.38
N PRO B 84 -6.18 7.66 11.37
CA PRO B 84 -5.70 7.99 10.02
C PRO B 84 -4.89 9.29 9.98
N GLN B 85 -3.82 9.27 9.19
CA GLN B 85 -2.81 10.31 9.22
C GLN B 85 -3.19 11.52 8.34
N ASP B 86 -2.81 12.73 8.76
CA ASP B 86 -3.05 13.94 7.97
C ASP B 86 -1.87 14.23 7.02
N HIS B 87 -1.94 15.34 6.30
CA HIS B 87 -0.85 15.71 5.36
C HIS B 87 0.48 16.06 6.05
N ALA B 88 0.40 16.68 7.22
CA ALA B 88 1.59 17.08 7.98
C ALA B 88 2.35 15.87 8.52
N HIS B 89 1.63 14.84 8.97
CA HIS B 89 2.27 13.63 9.47
C HIS B 89 2.83 12.75 8.34
N ASP B 90 2.15 12.69 7.20
CA ASP B 90 2.72 12.03 6.00
C ASP B 90 3.96 12.76 5.49
N ALA B 91 3.92 14.09 5.51
CA ALA B 91 5.07 14.90 5.09
C ALA B 91 6.25 14.65 6.02
N GLU B 92 5.97 14.58 7.32
CA GLU B 92 6.96 14.24 8.33
C GLU B 92 7.63 12.92 8.02
N ASP B 93 6.84 11.91 7.64
CA ASP B 93 7.36 10.59 7.27
C ASP B 93 8.24 10.67 6.02
N VAL B 94 7.83 11.43 5.03
CA VAL B 94 8.66 11.59 3.83
C VAL B 94 9.99 12.33 4.13
N ASP B 95 9.92 13.26 5.08
CA ASP B 95 11.13 13.97 5.52
C ASP B 95 12.13 13.05 6.23
N ASP B 96 11.64 12.16 7.10
CA ASP B 96 12.51 11.16 7.70
C ASP B 96 13.16 10.27 6.62
N LEU B 97 12.45 9.93 5.56
CA LEU B 97 13.04 9.16 4.45
C LEU B 97 14.14 9.94 3.74
N ILE B 98 13.88 11.21 3.47
CA ILE B 98 14.85 12.09 2.82
C ILE B 98 16.15 12.11 3.63
N GLY B 99 16.02 12.22 4.95
CA GLY B 99 17.15 12.08 5.87
C GLY B 99 17.88 10.75 5.79
N ILE B 100 17.13 9.65 5.69
CA ILE B 100 17.73 8.33 5.49
C ILE B 100 18.50 8.30 4.17
N LEU B 101 17.90 8.79 3.09
CA LEU B 101 18.58 8.80 1.79
C LEU B 101 19.89 9.62 1.83
N LEU B 102 19.83 10.86 2.34
CA LEU B 102 21.03 11.71 2.45
C LEU B 102 22.14 11.04 3.26
N ARG B 103 21.77 10.57 4.45
CA ARG B 103 22.75 10.03 5.41
C ARG B 103 23.22 8.59 5.05
N ASP B 104 22.28 7.70 4.72
CA ASP B 104 22.61 6.27 4.56
C ASP B 104 22.81 5.80 3.11
N HIS B 105 22.35 6.57 2.13
CA HIS B 105 22.28 6.07 0.74
C HIS B 105 23.01 6.95 -0.28
N CYS B 106 23.91 7.81 0.23
CA CYS B 106 24.87 8.56 -0.58
C CYS B 106 24.25 9.58 -1.52
N MET B 107 23.07 10.03 -1.18
CA MET B 107 22.38 11.03 -1.99
C MET B 107 22.84 12.44 -1.57
N ASN B 108 23.23 13.26 -2.56
CA ASN B 108 23.73 14.64 -2.32
C ASN B 108 22.68 15.68 -2.53
N GLU B 109 21.67 15.30 -3.30
CA GLU B 109 20.51 16.12 -3.47
C GLU B 109 19.34 15.24 -3.88
N VAL B 110 18.15 15.82 -3.75
CA VAL B 110 16.91 15.15 -4.06
C VAL B 110 16.06 16.10 -4.89
N ALA B 111 15.43 15.56 -5.93
CA ALA B 111 14.37 16.24 -6.64
C ALA B 111 13.07 15.63 -6.13
N LEU B 112 12.20 16.43 -5.52
CA LEU B 112 10.91 15.94 -5.07
C LEU B 112 9.94 15.98 -6.25
N PHE B 113 9.29 14.84 -6.48
CA PHE B 113 8.41 14.62 -7.59
C PHE B 113 7.11 14.08 -7.01
N ALA B 114 6.04 14.82 -7.20
CA ALA B 114 4.76 14.50 -6.59
C ALA B 114 3.68 14.49 -7.66
N THR B 115 2.83 13.47 -7.63
CA THR B 115 1.62 13.41 -8.44
C THR B 115 0.36 13.42 -7.56
N SER B 116 -0.75 13.88 -8.15
CA SER B 116 -2.05 13.87 -7.48
C SER B 116 -2.04 14.55 -6.10
N THR B 117 -2.61 13.92 -5.08
CA THR B 117 -2.63 14.52 -3.75
C THR B 117 -1.27 14.39 -3.02
N GLY B 118 -0.28 13.76 -3.65
CA GLY B 118 1.09 13.82 -3.17
C GLY B 118 1.63 15.25 -3.13
N THR B 119 1.16 16.11 -4.04
CA THR B 119 1.58 17.51 -4.07
C THR B 119 1.26 18.28 -2.76
N GLN B 120 0.22 17.86 -2.03
CA GLN B 120 -0.07 18.42 -0.71
C GLN B 120 1.07 18.18 0.27
N LEU B 121 1.68 16.99 0.21
CA LEU B 121 2.79 16.67 1.12
C LEU B 121 4.02 17.50 0.81
N VAL B 122 4.25 17.75 -0.48
CA VAL B 122 5.39 18.51 -0.93
C VAL B 122 5.35 19.97 -0.47
N PHE B 123 4.21 20.66 -0.63
CA PHE B 123 4.11 22.03 -0.11
C PHE B 123 4.36 22.11 1.40
N GLU B 124 3.82 21.12 2.11
CA GLU B 124 4.00 21.03 3.56
C GLU B 124 5.45 20.82 3.94
N LEU B 125 6.14 19.95 3.20
CA LEU B 125 7.56 19.65 3.42
C LEU B 125 8.46 20.83 3.12
N LEU B 126 8.18 21.53 2.02
CA LEU B 126 9.04 22.62 1.58
C LEU B 126 9.10 23.81 2.55
N GLU B 127 8.10 23.97 3.40
CA GLU B 127 8.16 25.02 4.43
C GLU B 127 8.67 24.57 5.81
N ASN B 128 8.66 23.27 6.07
CA ASN B 128 8.99 22.73 7.41
C ASN B 128 10.08 21.66 7.45
N SER B 129 10.61 21.28 6.29
CA SER B 129 11.61 20.21 6.22
C SER B 129 12.87 20.52 7.03
N ALA B 130 13.45 19.45 7.58
CA ALA B 130 14.76 19.52 8.22
C ALA B 130 15.90 19.45 7.18
N HIS B 131 15.55 19.28 5.91
CA HIS B 131 16.51 18.97 4.85
C HIS B 131 16.43 19.91 3.63
N LYS B 132 15.86 21.10 3.83
CA LYS B 132 15.65 22.08 2.76
C LYS B 132 16.84 22.36 1.83
N SER B 133 18.07 22.33 2.34
CA SER B 133 19.23 22.58 1.48
C SER B 133 19.53 21.42 0.52
N SER B 134 18.98 20.24 0.82
CA SER B 134 19.24 19.05 0.04
C SER B 134 18.11 18.78 -1.00
N ILE B 135 16.94 19.41 -0.80
CA ILE B 135 15.84 19.33 -1.75
C ILE B 135 16.04 20.46 -2.79
N THR B 136 16.74 20.14 -3.87
CA THR B 136 17.23 21.17 -4.79
C THR B 136 16.26 21.44 -5.92
N ARG B 137 15.30 20.54 -6.14
CA ARG B 137 14.28 20.71 -7.18
C ARG B 137 12.93 20.15 -6.78
N VAL B 138 11.89 20.68 -7.42
CA VAL B 138 10.54 20.21 -7.19
C VAL B 138 9.84 20.03 -8.54
N ILE B 139 9.20 18.88 -8.69
CA ILE B 139 8.39 18.52 -9.88
C ILE B 139 7.00 18.16 -9.39
N LEU B 140 5.99 18.88 -9.87
CA LEU B 140 4.63 18.65 -9.43
C LEU B 140 3.70 18.44 -10.61
N HIS B 141 2.92 17.37 -10.57
CA HIS B 141 1.92 17.06 -11.61
C HIS B 141 0.52 17.18 -11.03
N GLY B 142 -0.39 17.73 -11.84
CA GLY B 142 -1.78 17.87 -11.44
C GLY B 142 -2.76 18.00 -12.57
N VAL B 143 -3.95 17.44 -12.37
CA VAL B 143 -5.06 17.55 -13.28
C VAL B 143 -5.91 18.67 -12.73
N VAL B 144 -6.24 19.62 -13.61
CA VAL B 144 -6.97 20.81 -13.24
C VAL B 144 -8.35 20.83 -13.91
N CYS B 145 -9.29 21.50 -13.25
CA CYS B 145 -10.61 21.74 -13.83
C CYS B 145 -10.94 23.21 -13.67
N ASP B 146 -12.10 23.59 -14.23
CA ASP B 146 -12.65 24.93 -14.09
C ASP B 146 -12.87 25.28 -12.61
N PRO B 147 -12.35 26.43 -12.15
CA PRO B 147 -12.67 26.87 -10.77
C PRO B 147 -14.17 27.04 -10.46
N GLU B 148 -14.99 27.18 -11.51
CA GLU B 148 -16.44 27.34 -11.38
C GLU B 148 -17.20 26.01 -11.27
N ASN B 149 -16.50 24.90 -11.49
CA ASN B 149 -16.96 23.59 -11.04
C ASN B 149 -17.53 23.72 -9.62
N PRO B 150 -18.73 23.15 -9.36
CA PRO B 150 -19.33 23.37 -8.04
C PRO B 150 -18.46 22.91 -6.85
N LEU B 151 -17.51 22.01 -7.11
CA LEU B 151 -16.54 21.57 -6.08
C LEU B 151 -15.68 22.72 -5.60
N PHE B 152 -15.30 23.63 -6.50
CA PHE B 152 -14.27 24.64 -6.22
C PHE B 152 -14.78 26.08 -6.23
N THR B 153 -16.09 26.20 -6.17
CA THR B 153 -16.76 27.45 -5.97
C THR B 153 -16.60 27.84 -4.49
N PRO B 154 -16.64 29.15 -4.18
CA PRO B 154 -16.62 29.54 -2.77
C PRO B 154 -17.58 28.72 -1.88
N GLU B 155 -18.80 28.50 -2.35
CA GLU B 155 -19.77 27.64 -1.64
C GLU B 155 -19.27 26.19 -1.57
N GLY B 156 -18.74 25.68 -2.68
CA GLY B 156 -18.18 24.33 -2.72
C GLY B 156 -17.02 24.10 -1.77
N CYS B 157 -16.14 25.09 -1.65
CA CYS B 157 -15.02 25.01 -0.72
C CYS B 157 -15.51 25.04 0.74
N ALA B 158 -16.55 25.84 1.01
CA ALA B 158 -17.09 25.98 2.37
C ALA B 158 -17.86 24.75 2.81
N ALA B 159 -18.63 24.17 1.89
CA ALA B 159 -19.43 22.98 2.20
C ALA B 159 -18.53 21.78 2.46
N ARG B 160 -17.44 21.67 1.71
CA ARG B 160 -16.43 20.60 1.92
C ARG B 160 -15.71 20.74 3.27
N LYS B 161 -15.31 21.96 3.60
CA LYS B 161 -14.66 22.26 4.89
C LYS B 161 -15.55 21.85 6.06
N GLU B 162 -16.82 22.27 6.02
CA GLU B 162 -17.81 21.89 7.03
C GLU B 162 -18.01 20.38 7.09
N HIS B 163 -18.27 19.77 5.94
CA HIS B 163 -18.50 18.33 5.84
C HIS B 163 -17.34 17.54 6.45
N VAL B 164 -16.12 17.94 6.12
CA VAL B 164 -14.90 17.31 6.66
C VAL B 164 -14.83 17.46 8.18
N GLU B 165 -15.18 18.64 8.69
CA GLU B 165 -15.18 18.89 10.14
C GLU B 165 -16.18 18.00 10.89
N LYS B 166 -17.30 17.69 10.23
CA LYS B 166 -18.34 16.83 10.83
C LYS B 166 -17.88 15.38 10.85
N LEU B 167 -17.27 14.95 9.74
CA LEU B 167 -16.74 13.60 9.62
C LEU B 167 -15.65 13.36 10.66
N MET B 168 -14.77 14.34 10.83
CA MET B 168 -13.74 14.25 11.86
C MET B 168 -14.37 14.19 13.25
N ALA B 169 -15.46 14.95 13.45
CA ALA B 169 -16.22 14.96 14.70
C ALA B 169 -16.85 13.60 15.02
N GLU B 170 -17.30 12.88 13.98
CA GLU B 170 -17.83 11.52 14.13
C GLU B 170 -16.76 10.43 14.19
N GLY B 171 -15.48 10.80 14.02
CA GLY B 171 -14.38 9.85 14.05
C GLY B 171 -14.29 9.03 12.77
N ARG B 172 -14.68 9.65 11.65
CA ARG B 172 -14.74 8.98 10.36
C ARG B 172 -13.69 9.53 9.38
N GLY B 173 -12.52 9.83 9.93
CA GLY B 173 -11.45 10.45 9.16
C GLY B 173 -10.76 9.58 8.11
N GLU B 174 -10.97 8.26 8.17
CA GLU B 174 -10.34 7.35 7.22
C GLU B 174 -11.25 6.94 6.06
N ASP B 175 -12.53 7.32 6.13
CA ASP B 175 -13.48 6.85 5.12
C ASP B 175 -13.51 7.78 3.91
N SER B 176 -12.72 7.42 2.89
CA SER B 176 -12.68 8.19 1.65
C SER B 176 -14.02 8.23 0.92
N LEU B 177 -14.85 7.21 1.12
CA LEU B 177 -16.19 7.14 0.51
C LEU B 177 -17.17 8.16 1.09
N ALA B 178 -16.95 8.55 2.34
CA ALA B 178 -17.77 9.60 2.98
C ALA B 178 -17.51 10.98 2.33
N MET B 179 -16.49 11.03 1.47
CA MET B 179 -15.99 12.26 0.84
C MET B 179 -16.42 12.40 -0.62
N LEU B 180 -17.29 11.49 -1.10
CA LEU B 180 -17.52 11.32 -2.55
C LEU B 180 -18.36 12.40 -3.27
N LYS B 181 -19.16 13.18 -2.56
CA LYS B 181 -19.89 14.29 -3.20
C LYS B 181 -19.21 15.66 -2.99
N HIS B 182 -18.37 15.75 -1.96
CA HIS B 182 -17.64 16.98 -1.65
C HIS B 182 -16.21 17.03 -2.17
N TYR B 183 -15.74 16.02 -2.92
CA TYR B 183 -14.45 16.11 -3.64
C TYR B 183 -14.44 15.10 -4.78
N ASP B 184 -13.49 15.24 -5.72
CA ASP B 184 -13.39 14.34 -6.89
C ASP B 184 -12.34 13.20 -6.79
N ILE B 185 -11.08 13.57 -6.60
CA ILE B 185 -10.02 12.56 -6.44
C ILE B 185 -10.23 11.85 -5.10
N PRO B 186 -10.02 10.52 -5.08
CA PRO B 186 -10.18 9.86 -3.78
C PRO B 186 -9.22 10.40 -2.71
N ILE B 187 -9.76 10.68 -1.54
CA ILE B 187 -9.02 11.30 -0.47
C ILE B 187 -9.74 11.03 0.84
N THR B 188 -8.98 10.89 1.93
CA THR B 188 -9.59 10.77 3.25
C THR B 188 -9.98 12.14 3.80
N PRO B 189 -11.08 12.19 4.58
CA PRO B 189 -11.40 13.41 5.32
C PRO B 189 -10.23 13.90 6.19
N ALA B 190 -9.47 12.97 6.76
CA ALA B 190 -8.32 13.30 7.60
C ALA B 190 -7.19 14.06 6.87
N ARG B 191 -7.00 13.75 5.58
CA ARG B 191 -6.03 14.44 4.74
C ARG B 191 -6.54 15.82 4.37
N LEU B 192 -7.85 15.95 4.27
CA LEU B 192 -8.48 17.23 4.01
C LEU B 192 -8.51 18.13 5.28
N ALA B 193 -8.67 17.51 6.44
CA ALA B 193 -8.86 18.25 7.69
C ALA B 193 -7.63 19.03 8.16
N GLY B 194 -6.43 18.56 7.81
CA GLY B 194 -5.20 19.22 8.22
C GLY B 194 -4.91 20.57 7.57
N GLY B 195 -5.58 20.87 6.46
CA GLY B 195 -5.34 22.15 5.77
C GLY B 195 -4.47 21.92 4.55
N GLY B 196 -3.58 22.87 4.29
CA GLY B 196 -2.68 22.80 3.15
C GLY B 196 -3.41 22.82 1.81
N PHE B 197 -2.77 22.29 0.78
CA PHE B 197 -3.26 22.34 -0.59
C PHE B 197 -3.28 20.96 -1.23
N PRO B 198 -4.45 20.27 -1.21
CA PRO B 198 -4.56 18.89 -1.68
C PRO B 198 -3.94 18.67 -3.05
N THR B 199 -4.24 19.54 -4.01
CA THR B 199 -3.68 19.40 -5.35
C THR B 199 -3.28 20.75 -5.95
N LEU B 200 -2.77 20.69 -7.18
CA LEU B 200 -2.50 21.88 -7.94
C LEU B 200 -3.75 22.71 -8.22
N GLN B 201 -4.95 22.11 -8.15
CA GLN B 201 -6.16 22.91 -8.25
C GLN B 201 -6.19 24.01 -7.16
N GLU B 202 -5.94 23.63 -5.91
CA GLU B 202 -5.98 24.56 -4.79
C GLU B 202 -4.66 25.36 -4.65
N ALA B 203 -3.54 24.71 -4.96
CA ALA B 203 -2.21 25.30 -4.81
C ALA B 203 -1.89 26.31 -5.93
N VAL B 204 -2.38 26.09 -7.16
CA VAL B 204 -1.99 26.92 -8.31
C VAL B 204 -3.16 27.46 -9.14
N TRP B 205 -4.02 26.56 -9.63
CA TRP B 205 -5.01 26.91 -10.67
C TRP B 205 -6.10 27.88 -10.19
N ASN B 206 -6.82 27.48 -9.14
CA ASN B 206 -7.78 28.38 -8.46
C ASN B 206 -7.19 29.75 -7.99
N PRO B 207 -6.10 29.74 -7.20
CA PRO B 207 -5.56 31.05 -6.79
C PRO B 207 -5.00 31.94 -7.91
N CYS B 208 -4.37 31.38 -8.93
CA CYS B 208 -3.94 32.17 -10.09
C CYS B 208 -5.10 32.78 -10.87
N ILE B 209 -6.15 32.00 -11.16
CA ILE B 209 -7.26 32.54 -11.97
C ILE B 209 -8.07 33.59 -11.20
N ARG B 210 -8.17 33.42 -9.88
CA ARG B 210 -8.92 34.33 -8.99
C ARG B 210 -8.05 35.43 -8.40
N LYS B 211 -6.75 35.39 -8.72
CA LYS B 211 -5.77 36.37 -8.23
C LYS B 211 -5.75 36.42 -6.70
N GLU B 212 -5.60 35.23 -6.12
CA GLU B 212 -5.51 35.05 -4.68
C GLU B 212 -4.02 34.99 -4.34
N PHE B 213 -3.38 36.15 -4.19
CA PHE B 213 -1.93 36.15 -4.13
C PHE B 213 -1.37 35.73 -2.79
N ASP B 214 -2.09 36.01 -1.71
CA ASP B 214 -1.69 35.55 -0.37
C ASP B 214 -1.82 34.02 -0.22
N VAL B 215 -2.73 33.41 -0.96
CA VAL B 215 -2.81 31.96 -1.04
C VAL B 215 -1.56 31.43 -1.76
N LEU B 216 -1.22 32.01 -2.91
CA LEU B 216 -0.05 31.60 -3.69
C LEU B 216 1.28 31.69 -2.89
N ARG B 217 1.35 32.66 -1.98
CA ARG B 217 2.50 32.81 -1.07
C ARG B 217 2.62 31.60 -0.15
N ARG B 218 1.48 31.12 0.31
CA ARG B 218 1.44 29.95 1.16
C ARG B 218 1.82 28.66 0.41
N SER B 219 1.63 28.63 -0.91
CA SER B 219 1.89 27.41 -1.69
C SER B 219 3.23 27.47 -2.42
N VAL B 220 3.25 27.97 -3.65
CA VAL B 220 4.47 28.06 -4.46
C VAL B 220 5.52 29.03 -3.87
N GLY B 221 5.06 30.01 -3.08
CA GLY B 221 5.95 30.91 -2.36
C GLY B 221 6.96 30.19 -1.49
N VAL B 222 6.57 29.06 -0.89
CA VAL B 222 7.47 28.31 -0.04
C VAL B 222 8.52 27.51 -0.82
N ILE B 223 8.36 27.42 -2.13
CA ILE B 223 9.33 26.71 -2.98
C ILE B 223 10.42 27.70 -3.38
N LYS B 224 11.63 27.48 -2.85
CA LYS B 224 12.78 28.41 -3.03
C LYS B 224 13.83 27.79 -3.94
N VAL B 225 13.45 26.78 -4.71
CA VAL B 225 14.35 26.09 -5.63
C VAL B 225 13.61 25.91 -6.93
N PRO B 226 14.31 25.55 -8.02
CA PRO B 226 13.64 25.39 -9.31
C PRO B 226 12.37 24.49 -9.26
N LEU B 227 11.34 24.91 -9.99
CA LEU B 227 10.02 24.28 -9.96
C LEU B 227 9.55 23.94 -11.38
N LEU B 228 9.09 22.70 -11.55
CA LEU B 228 8.40 22.27 -12.77
C LEU B 228 6.95 21.97 -12.42
N LEU B 229 6.02 22.62 -13.08
CA LEU B 229 4.61 22.24 -13.00
C LEU B 229 4.22 21.52 -14.29
N MET B 230 3.60 20.36 -14.11
CA MET B 230 3.13 19.51 -15.18
C MET B 230 1.62 19.46 -15.06
N LEU B 231 0.93 20.10 -15.99
CA LEU B 231 -0.51 20.27 -15.91
C LEU B 231 -1.24 19.47 -16.99
N ALA B 232 -2.33 18.82 -16.58
CA ALA B 232 -3.23 18.11 -17.48
C ALA B 232 -4.68 18.45 -17.15
N HIS B 233 -5.59 18.01 -18.01
CA HIS B 233 -7.03 18.20 -17.78
C HIS B 233 -7.81 17.31 -18.71
N ASN B 234 -9.03 16.98 -18.31
CA ASN B 234 -9.93 16.22 -19.19
C ASN B 234 -10.20 17.06 -20.46
N VAL B 235 -10.39 16.36 -21.58
CA VAL B 235 -10.59 16.98 -22.92
C VAL B 235 -11.65 18.09 -22.89
N GLN B 236 -12.73 17.87 -22.13
CA GLN B 236 -13.88 18.78 -22.02
C GLN B 236 -13.49 20.19 -21.58
N TYR B 237 -12.52 20.27 -20.67
CA TYR B 237 -12.11 21.55 -20.10
C TYR B 237 -11.06 22.20 -21.00
N LYS B 238 -11.39 23.39 -21.51
CA LYS B 238 -10.54 24.09 -22.47
C LYS B 238 -10.09 25.43 -21.86
N PRO B 239 -9.02 25.39 -21.02
CA PRO B 239 -8.48 26.62 -20.41
C PRO B 239 -8.19 27.68 -21.45
N SER B 240 -8.72 28.88 -21.24
CA SER B 240 -8.46 30.05 -22.10
C SER B 240 -6.96 30.35 -22.21
N ASP B 241 -6.54 30.96 -23.33
CA ASP B 241 -5.15 31.45 -23.48
C ASP B 241 -4.82 32.48 -22.40
N GLU B 242 -5.83 33.31 -22.11
CA GLU B 242 -5.79 34.27 -21.03
C GLU B 242 -5.51 33.58 -19.70
N GLU B 243 -6.27 32.51 -19.43
CA GLU B 243 -6.10 31.75 -18.20
C GLU B 243 -4.74 31.06 -18.10
N VAL B 244 -4.23 30.55 -19.23
CA VAL B 244 -2.88 30.00 -19.32
C VAL B 244 -1.83 31.08 -19.03
N GLY B 245 -2.05 32.29 -19.55
CA GLY B 245 -1.15 33.45 -19.31
C GLY B 245 -1.20 33.91 -17.87
N THR B 246 -2.41 33.99 -17.32
CA THR B 246 -2.60 34.37 -15.91
C THR B 246 -1.96 33.41 -14.96
N VAL B 247 -2.04 32.12 -15.26
CA VAL B 247 -1.43 31.11 -14.40
C VAL B 247 0.10 31.14 -14.46
N LEU B 248 0.64 31.26 -15.68
CA LEU B 248 2.08 31.40 -15.91
C LEU B 248 2.66 32.60 -15.16
N GLU B 249 1.99 33.74 -15.28
CA GLU B 249 2.46 34.94 -14.62
C GLU B 249 2.28 34.84 -13.11
N GLY B 250 1.13 34.34 -12.67
CA GLY B 250 0.86 34.15 -11.25
C GLY B 250 1.86 33.25 -10.55
N VAL B 251 2.28 32.20 -11.24
CA VAL B 251 3.25 31.25 -10.66
C VAL B 251 4.66 31.83 -10.66
N ARG B 252 5.06 32.44 -11.77
CA ARG B 252 6.39 33.04 -11.87
C ARG B 252 6.59 34.17 -10.85
N ASP B 253 5.65 35.18 -10.87
CA ASP B 253 5.72 36.28 -9.90
C ASP B 253 5.64 35.89 -8.41
N HIS B 254 5.12 34.71 -8.05
CA HIS B 254 4.89 34.42 -6.61
C HIS B 254 5.57 33.18 -6.06
N THR B 255 6.24 32.40 -6.90
CA THR B 255 7.14 31.37 -6.43
C THR B 255 8.39 32.01 -5.79
N GLY B 256 8.95 31.34 -4.79
CA GLY B 256 10.12 31.84 -4.06
C GLY B 256 11.46 31.64 -4.77
N CYS B 257 11.42 30.97 -5.92
CA CYS B 257 12.51 30.94 -6.87
C CYS B 257 11.97 31.55 -8.16
N ASN B 258 12.79 32.29 -8.91
CA ASN B 258 12.42 32.76 -10.23
C ASN B 258 12.41 31.67 -11.31
N ARG B 259 13.08 30.55 -11.06
CA ARG B 259 13.18 29.46 -12.04
C ARG B 259 12.00 28.48 -11.96
N VAL B 260 10.88 28.89 -12.53
CA VAL B 260 9.70 28.03 -12.62
C VAL B 260 9.46 27.70 -14.07
N THR B 261 9.12 26.44 -14.34
CA THR B 261 8.64 26.01 -15.67
C THR B 261 7.20 25.47 -15.54
N VAL B 262 6.33 25.91 -16.44
CA VAL B 262 4.94 25.44 -16.50
C VAL B 262 4.71 24.80 -17.86
N SER B 263 4.45 23.49 -17.87
CA SER B 263 4.22 22.75 -19.10
C SER B 263 2.86 22.03 -19.05
N TYR B 264 2.25 21.90 -20.24
CA TYR B 264 0.97 21.24 -20.42
C TYR B 264 1.18 19.94 -21.17
N PHE B 265 0.45 18.90 -20.73
CA PHE B 265 0.59 17.54 -21.23
C PHE B 265 -0.76 16.96 -21.69
N ASN B 266 -0.70 16.12 -22.72
CA ASN B 266 -1.90 15.55 -23.35
C ASN B 266 -2.33 14.23 -22.69
N ASP B 267 -2.30 14.18 -21.36
CA ASP B 267 -2.74 13.02 -20.60
C ASP B 267 -4.24 12.85 -20.79
N THR B 268 -4.68 11.60 -20.90
CA THR B 268 -6.10 11.29 -20.87
C THR B 268 -6.50 11.23 -19.41
N CYS B 269 -7.56 11.97 -19.05
CA CYS B 269 -8.06 12.08 -17.69
C CYS B 269 -9.54 11.80 -17.65
N ASP B 270 -10.04 11.23 -16.54
CA ASP B 270 -11.50 11.06 -16.41
C ASP B 270 -12.13 12.41 -16.05
N GLU B 271 -13.40 12.44 -15.69
CA GLU B 271 -14.05 13.71 -15.33
C GLU B 271 -13.96 14.04 -13.82
N LEU B 272 -13.12 13.29 -13.11
CA LEU B 272 -12.91 13.46 -11.66
C LEU B 272 -11.43 13.66 -11.33
N ARG B 273 -10.68 14.17 -12.31
CA ARG B 273 -9.28 14.61 -12.17
C ARG B 273 -8.30 13.49 -11.86
N ARG B 274 -8.53 12.32 -12.44
CA ARG B 274 -7.53 11.26 -12.40
C ARG B 274 -7.00 10.99 -13.80
N VAL B 275 -5.70 10.74 -13.90
CA VAL B 275 -5.06 10.38 -15.16
C VAL B 275 -5.33 8.90 -15.45
N LEU B 276 -5.86 8.63 -16.64
CA LEU B 276 -6.10 7.27 -17.12
C LEU B 276 -4.90 6.79 -17.95
N LYS B 277 -4.40 7.68 -18.81
CA LYS B 277 -3.21 7.39 -19.60
C LYS B 277 -2.37 8.65 -19.74
N ALA B 278 -1.13 8.58 -19.27
CA ALA B 278 -0.21 9.71 -19.33
C ALA B 278 0.32 9.80 -20.74
N ALA B 279 0.63 11.02 -21.18
CA ALA B 279 1.38 11.24 -22.41
C ALA B 279 2.83 10.83 -22.15
N GLU B 280 3.09 9.53 -22.30
CA GLU B 280 4.34 8.86 -21.90
C GLU B 280 5.62 9.64 -22.27
N SER B 281 5.88 9.77 -23.57
CA SER B 281 7.08 10.43 -24.09
C SER B 281 7.21 11.87 -23.60
N GLU B 282 6.07 12.55 -23.46
CA GLU B 282 6.04 13.96 -23.07
C GLU B 282 6.52 14.15 -21.63
N HIS B 283 6.04 13.29 -20.72
CA HIS B 283 6.45 13.40 -19.31
C HIS B 283 7.95 13.18 -19.16
N VAL B 284 8.46 12.15 -19.80
CA VAL B 284 9.86 11.76 -19.64
C VAL B 284 10.78 12.85 -20.16
N ALA B 285 10.47 13.40 -21.33
CA ALA B 285 11.26 14.45 -21.97
C ALA B 285 11.26 15.76 -21.19
N ALA B 286 10.09 16.14 -20.65
CA ALA B 286 9.97 17.34 -19.82
C ALA B 286 10.77 17.23 -18.52
N ILE B 287 10.83 16.03 -17.94
CA ILE B 287 11.58 15.82 -16.69
C ILE B 287 13.09 15.82 -16.95
N LEU B 288 13.55 15.03 -17.92
CA LEU B 288 14.98 14.98 -18.28
C LEU B 288 15.53 16.35 -18.59
N GLN B 289 14.80 17.11 -19.40
CA GLN B 289 15.20 18.44 -19.82
C GLN B 289 15.16 19.50 -18.73
N PHE B 290 14.17 19.41 -17.83
CA PHE B 290 14.10 20.31 -16.68
C PHE B 290 15.31 20.10 -15.76
N LEU B 291 15.62 18.85 -15.45
CA LEU B 291 16.78 18.54 -14.61
C LEU B 291 18.11 18.97 -15.27
N ALA B 292 18.20 18.82 -16.59
CA ALA B 292 19.43 19.11 -17.33
C ALA B 292 19.64 20.60 -17.56
N ASP B 293 18.54 21.33 -17.75
CA ASP B 293 18.59 22.79 -17.88
C ASP B 293 18.92 23.50 -16.57
N GLU B 294 18.41 22.98 -15.45
CA GLU B 294 18.72 23.55 -14.13
C GLU B 294 20.12 23.13 -13.67
N ASP B 295 20.63 22.02 -14.25
CA ASP B 295 22.04 21.66 -14.12
C ASP B 295 22.97 22.69 -14.78
N GLU B 296 22.47 23.33 -15.84
CA GLU B 296 23.23 24.32 -16.59
C GLU B 296 23.14 25.69 -15.94
N PHE B 297 21.95 26.06 -15.46
CA PHE B 297 21.75 27.34 -14.79
C PHE B 297 22.48 27.44 -13.45
N ARG B 298 22.74 26.31 -12.82
CA ARG B 298 23.54 26.28 -11.59
C ARG B 298 25.03 26.36 -11.86
N THR B 299 25.51 25.57 -12.82
CA THR B 299 26.94 25.56 -13.19
C THR B 299 27.35 26.86 -13.88
N GLU B 300 26.38 27.71 -14.19
CA GLU B 300 26.64 29.11 -14.44
C GLU B 300 27.23 29.69 -13.15
N THR B 301 28.54 29.93 -13.15
CA THR B 301 29.28 30.33 -11.94
C THR B 301 30.75 30.61 -12.28
C1 GOL C . 10.74 -9.67 12.41
O1 GOL C . 11.14 -10.26 11.20
C2 GOL C . 9.51 -8.77 12.24
O2 GOL C . 9.79 -7.41 11.87
C3 GOL C . 8.76 -8.77 13.53
O3 GOL C . 7.89 -7.68 13.49
C1 GOL D . 1.18 5.09 -18.23
O1 GOL D . 2.51 5.53 -18.05
C2 GOL D . 0.41 5.13 -16.90
O2 GOL D . 0.31 3.86 -16.32
C3 GOL D . -0.97 5.71 -17.09
O3 GOL D . -1.67 5.68 -15.87
#